data_4EA9
#
_entry.id   4EA9
#
_cell.length_a   114.818
_cell.length_b   114.818
_cell.length_c   114.818
_cell.angle_alpha   90.00
_cell.angle_beta   90.00
_cell.angle_gamma   90.00
#
_symmetry.space_group_name_H-M   'I 2 3'
#
loop_
_entity.id
_entity.type
_entity.pdbx_description
1 polymer 'Perosamine N-acetyltransferase'
2 non-polymer 'GDP-N-acetylperosamine-coenzyme A'
3 non-polymer 'CHLORIDE ION'
4 water water
#
_entity_poly.entity_id   1
_entity_poly.type   'polypeptide(L)'
_entity_poly.pdbx_seq_one_letter_code
;GHMGAASASLAIGGVVIIGGGGHAKVVIESLRACGETVAAIVDADPTRRAVLGVPVVGDDLALPMLREQGLSRLFVAIGD
NRLRQKLGRKARDHGFSLVNAIHPSAVVSPSVRLGEGVAVMAGVAINADSWIGDLAIINTGAVVDHDCRLGAACHLGPAS
ALAGGVSVGERAFLGVGARVIPGVTIGADTIVGAGGVVVRDLPDSVLAIGVPAKIKGDRS
;
_entity_poly.pdbx_strand_id   A
#
loop_
_chem_comp.id
_chem_comp.type
_chem_comp.name
_chem_comp.formula
CL non-polymer 'CHLORIDE ION' 'Cl -1'
JBT non-polymer 'GDP-N-acetylperosamine-coenzyme A' 'C39 H64 N13 O30 P5 S'
#
# COMPACT_ATOMS: atom_id res chain seq x y z
N ALA A 8 -22.61 -5.85 -13.87
CA ALA A 8 -22.08 -7.17 -13.61
C ALA A 8 -21.92 -8.01 -14.87
N SER A 9 -22.05 -7.67 -16.16
CA SER A 9 -21.45 -8.55 -17.13
C SER A 9 -19.99 -8.17 -17.26
N LEU A 10 -19.08 -9.16 -16.99
CA LEU A 10 -17.66 -8.88 -16.86
C LEU A 10 -16.96 -9.90 -17.74
N ALA A 11 -15.76 -9.58 -18.13
CA ALA A 11 -14.89 -10.51 -18.83
C ALA A 11 -14.53 -11.66 -17.89
N ILE A 12 -13.91 -12.72 -18.40
CA ILE A 12 -13.28 -13.75 -17.60
C ILE A 12 -11.93 -13.24 -17.06
N GLY A 13 -11.51 -13.32 -15.81
CA GLY A 13 -10.15 -13.28 -15.33
C GLY A 13 -9.33 -12.18 -14.80
N GLY A 14 -9.94 -11.04 -14.82
CA GLY A 14 -9.12 -9.95 -14.25
C GLY A 14 -9.08 -9.76 -12.78
N VAL A 15 -8.59 -8.62 -12.33
CA VAL A 15 -8.46 -8.26 -10.95
C VAL A 15 -9.64 -7.40 -10.50
N VAL A 16 -10.28 -7.75 -9.39
CA VAL A 16 -11.27 -6.94 -8.75
C VAL A 16 -10.58 -5.90 -7.85
N ILE A 17 -11.03 -4.68 -7.86
CA ILE A 17 -10.48 -3.63 -6.98
C ILE A 17 -11.53 -3.21 -5.98
N ILE A 18 -11.14 -3.22 -4.70
CA ILE A 18 -11.91 -2.58 -3.62
C ILE A 18 -11.45 -1.14 -3.53
N GLY A 19 -12.34 -0.20 -3.78
CA GLY A 19 -12.07 1.23 -3.76
C GLY A 19 -11.98 1.80 -5.16
N GLY A 20 -12.58 3.00 -5.30
CA GLY A 20 -12.69 3.67 -6.59
C GLY A 20 -12.30 5.12 -6.60
N GLY A 21 -11.38 5.48 -5.75
CA GLY A 21 -10.91 6.85 -5.60
C GLY A 21 -9.59 7.09 -6.29
N GLY A 22 -8.89 8.14 -5.80
CA GLY A 22 -7.65 8.53 -6.44
C GLY A 22 -6.55 7.46 -6.37
N HIS A 23 -6.48 6.79 -5.21
CA HIS A 23 -5.52 5.71 -5.08
C HIS A 23 -5.78 4.57 -6.06
N ALA A 24 -7.09 4.24 -6.23
CA ALA A 24 -7.45 3.25 -7.22
C ALA A 24 -7.01 3.63 -8.61
N LYS A 25 -7.09 4.88 -8.99
CA LYS A 25 -6.65 5.26 -10.32
C LYS A 25 -5.18 4.84 -10.54
N VAL A 26 -4.33 5.15 -9.56
CA VAL A 26 -2.91 4.85 -9.69
C VAL A 26 -2.68 3.36 -9.73
N VAL A 27 -3.34 2.63 -8.84
CA VAL A 27 -3.25 1.16 -8.83
C VAL A 27 -3.67 0.53 -10.15
N ILE A 28 -4.79 1.01 -10.70
CA ILE A 28 -5.27 0.51 -11.99
C ILE A 28 -4.19 0.66 -13.04
N GLU A 29 -3.57 1.83 -13.06
CA GLU A 29 -2.52 2.10 -14.05
C GLU A 29 -1.29 1.24 -13.83
N SER A 30 -0.93 0.94 -12.58
CA SER A 30 0.17 0.03 -12.33
C SER A 30 -0.14 -1.36 -12.89
N LEU A 31 -1.34 -1.86 -12.58
CA LEU A 31 -1.75 -3.17 -13.06
C LEU A 31 -1.73 -3.24 -14.56
N ARG A 32 -2.33 -2.23 -15.20
CA ARG A 32 -2.40 -2.22 -16.68
C ARG A 32 -0.99 -2.12 -17.28
N ALA A 33 -0.10 -1.39 -16.64
CA ALA A 33 1.29 -1.28 -17.15
C ALA A 33 1.99 -2.64 -17.14
N CYS A 34 1.57 -3.53 -16.25
CA CYS A 34 2.10 -4.90 -16.21
C CYS A 34 1.38 -5.86 -17.11
N GLY A 35 0.39 -5.40 -17.86
CA GLY A 35 -0.37 -6.30 -18.70
C GLY A 35 -1.56 -6.97 -18.07
N GLU A 36 -1.88 -6.62 -16.82
CA GLU A 36 -3.03 -7.17 -16.17
C GLU A 36 -4.28 -6.46 -16.63
N THR A 37 -5.41 -7.13 -16.48
CA THR A 37 -6.74 -6.60 -16.77
C THR A 37 -7.44 -6.37 -15.42
N VAL A 38 -8.10 -5.23 -15.30
CA VAL A 38 -8.90 -4.90 -14.12
C VAL A 38 -10.35 -5.18 -14.44
N ALA A 39 -10.96 -6.08 -13.72
CA ALA A 39 -12.32 -6.55 -14.02
C ALA A 39 -13.39 -5.58 -13.64
N ALA A 40 -13.33 -5.04 -12.42
CA ALA A 40 -14.44 -4.35 -11.79
C ALA A 40 -13.97 -3.69 -10.50
N ILE A 41 -14.68 -2.68 -10.08
CA ILE A 41 -14.54 -2.02 -8.78
C ILE A 41 -15.75 -2.23 -7.96
N VAL A 42 -15.52 -2.42 -6.65
CA VAL A 42 -16.56 -2.27 -5.64
C VAL A 42 -16.22 -1.05 -4.79
N ASP A 43 -17.21 -0.19 -4.57
CA ASP A 43 -17.05 1.06 -3.92
C ASP A 43 -18.24 1.35 -2.98
N ALA A 44 -17.97 1.92 -1.81
CA ALA A 44 -19.01 2.19 -0.87
C ALA A 44 -20.07 3.16 -1.42
N ASP A 45 -19.67 4.00 -2.38
CA ASP A 45 -20.69 4.72 -3.14
C ASP A 45 -20.98 3.77 -4.33
N PRO A 46 -22.10 2.98 -4.39
CA PRO A 46 -22.26 2.00 -5.48
C PRO A 46 -22.88 2.41 -6.86
N ALA A 50 -17.60 4.56 -13.19
CA ALA A 50 -16.41 3.98 -13.72
C ALA A 50 -15.22 4.74 -13.16
N VAL A 51 -14.09 4.11 -13.11
CA VAL A 51 -12.86 4.69 -12.69
C VAL A 51 -11.83 4.34 -13.79
N LEU A 52 -11.36 5.35 -14.55
CA LEU A 52 -10.44 5.07 -15.67
C LEU A 52 -10.92 3.91 -16.52
N GLY A 53 -12.24 3.87 -16.76
CA GLY A 53 -12.79 2.84 -17.60
C GLY A 53 -13.14 1.55 -16.96
N VAL A 54 -12.88 1.37 -15.69
CA VAL A 54 -13.25 0.15 -14.99
C VAL A 54 -14.61 0.35 -14.37
N PRO A 55 -15.57 -0.54 -14.60
CA PRO A 55 -16.93 -0.31 -14.06
C PRO A 55 -16.98 -0.50 -12.56
N VAL A 56 -17.73 0.32 -11.94
CA VAL A 56 -18.14 0.14 -10.54
C VAL A 56 -19.40 -0.65 -10.50
N VAL A 57 -19.36 -1.85 -9.95
CA VAL A 57 -20.46 -2.82 -10.07
C VAL A 57 -21.30 -2.89 -8.83
N GLY A 58 -20.94 -2.25 -7.73
CA GLY A 58 -21.67 -2.27 -6.49
C GLY A 58 -20.74 -1.92 -5.31
N ASP A 59 -21.21 -2.17 -4.14
CA ASP A 59 -20.45 -1.98 -2.93
C ASP A 59 -19.93 -3.32 -2.48
N ASP A 60 -19.41 -3.43 -1.29
CA ASP A 60 -18.76 -4.66 -0.88
C ASP A 60 -19.72 -5.85 -0.80
N LEU A 61 -21.02 -5.60 -0.75
CA LEU A 61 -21.96 -6.70 -0.80
C LEU A 61 -21.92 -7.42 -2.16
N ALA A 62 -21.31 -6.83 -3.22
CA ALA A 62 -21.15 -7.49 -4.45
C ALA A 62 -20.01 -8.49 -4.49
N LEU A 63 -19.18 -8.53 -3.47
CA LEU A 63 -18.02 -9.45 -3.51
C LEU A 63 -18.42 -10.91 -3.67
N PRO A 64 -19.41 -11.46 -2.95
CA PRO A 64 -19.73 -12.87 -3.18
C PRO A 64 -20.10 -13.19 -4.58
N MET A 65 -20.88 -12.32 -5.22
CA MET A 65 -21.31 -12.50 -6.58
C MET A 65 -20.13 -12.49 -7.53
N LEU A 66 -19.17 -11.60 -7.30
CA LEU A 66 -17.97 -11.57 -8.13
C LEU A 66 -17.21 -12.88 -7.99
N ARG A 67 -17.09 -13.38 -6.77
CA ARG A 67 -16.35 -14.64 -6.59
C ARG A 67 -17.06 -15.79 -7.28
N GLU A 68 -18.37 -15.81 -7.19
CA GLU A 68 -19.17 -16.89 -7.72
C GLU A 68 -19.00 -16.98 -9.19
N GLN A 69 -18.84 -15.82 -9.88
CA GLN A 69 -18.67 -15.83 -11.29
C GLN A 69 -17.23 -16.04 -11.74
N GLY A 70 -16.41 -16.41 -10.80
CA GLY A 70 -15.12 -16.91 -11.21
C GLY A 70 -13.98 -15.95 -10.98
N LEU A 71 -14.24 -14.74 -10.55
CA LEU A 71 -13.17 -13.80 -10.28
C LEU A 71 -12.60 -14.16 -8.93
N SER A 72 -11.29 -14.23 -8.87
CA SER A 72 -10.65 -14.66 -7.62
C SER A 72 -9.45 -13.87 -7.22
N ARG A 73 -9.06 -12.86 -7.99
CA ARG A 73 -7.89 -12.03 -7.77
C ARG A 73 -8.40 -10.63 -7.39
N LEU A 74 -7.77 -10.03 -6.36
CA LEU A 74 -8.29 -8.76 -5.86
C LEU A 74 -7.15 -7.89 -5.35
N PHE A 75 -7.38 -6.57 -5.43
CA PHE A 75 -6.50 -5.61 -4.81
C PHE A 75 -7.33 -4.62 -4.01
N VAL A 76 -6.84 -4.24 -2.81
CA VAL A 76 -7.54 -3.26 -1.98
C VAL A 76 -6.88 -1.88 -2.20
N ALA A 77 -7.52 -1.04 -2.96
CA ALA A 77 -7.06 0.28 -3.30
C ALA A 77 -7.75 1.34 -2.41
N ILE A 78 -7.40 1.28 -1.13
CA ILE A 78 -7.94 2.16 -0.10
C ILE A 78 -6.74 2.73 0.66
N GLY A 79 -6.58 4.04 0.66
CA GLY A 79 -5.42 4.65 1.28
C GLY A 79 -5.42 4.53 2.81
N ASP A 80 -6.59 4.61 3.43
CA ASP A 80 -6.67 4.53 4.91
C ASP A 80 -6.15 3.18 5.35
N ASN A 81 -5.11 3.17 6.19
CA ASN A 81 -4.44 1.94 6.51
C ASN A 81 -5.30 0.95 7.27
N ARG A 82 -5.97 1.43 8.31
CA ARG A 82 -6.79 0.52 9.12
C ARG A 82 -7.92 -0.07 8.28
N LEU A 83 -8.57 0.76 7.48
CA LEU A 83 -9.67 0.28 6.65
C LEU A 83 -9.17 -0.68 5.61
N ARG A 84 -8.03 -0.37 4.97
CA ARG A 84 -7.45 -1.28 3.97
C ARG A 84 -7.21 -2.65 4.57
N GLN A 85 -6.64 -2.67 5.78
CA GLN A 85 -6.37 -3.92 6.42
C GLN A 85 -7.62 -4.74 6.67
N LYS A 86 -8.65 -4.08 7.16
CA LYS A 86 -9.93 -4.77 7.39
C LYS A 86 -10.53 -5.27 6.10
N LEU A 87 -10.48 -4.49 5.03
CA LEU A 87 -11.03 -4.94 3.74
C LEU A 87 -10.24 -6.04 3.11
N GLY A 88 -8.91 -6.07 3.35
CA GLY A 88 -8.14 -7.20 2.88
C GLY A 88 -8.55 -8.49 3.54
N ARG A 89 -8.81 -8.40 4.85
CA ARG A 89 -9.31 -9.61 5.55
C ARG A 89 -10.64 -10.08 5.01
N LYS A 90 -11.54 -9.13 4.78
CA LYS A 90 -12.85 -9.44 4.22
C LYS A 90 -12.74 -10.06 2.84
N ALA A 91 -11.89 -9.50 2.00
CA ALA A 91 -11.67 -10.09 0.66
C ALA A 91 -11.16 -11.49 0.75
N ARG A 92 -10.19 -11.75 1.62
CA ARG A 92 -9.69 -13.12 1.76
C ARG A 92 -10.74 -14.07 2.30
N ASP A 93 -11.56 -13.59 3.24
CA ASP A 93 -12.63 -14.47 3.73
C ASP A 93 -13.58 -14.83 2.59
N HIS A 94 -13.83 -13.93 1.66
CA HIS A 94 -14.69 -14.20 0.50
C HIS A 94 -14.03 -15.00 -0.58
N GLY A 95 -12.78 -15.47 -0.38
CA GLY A 95 -12.17 -16.39 -1.29
C GLY A 95 -11.25 -15.77 -2.34
N PHE A 96 -11.00 -14.46 -2.19
CA PHE A 96 -10.09 -13.78 -3.11
C PHE A 96 -8.64 -13.94 -2.66
N SER A 97 -7.75 -14.00 -3.64
CA SER A 97 -6.33 -13.86 -3.37
C SER A 97 -5.93 -12.42 -3.62
N LEU A 98 -5.10 -11.87 -2.78
CA LEU A 98 -4.66 -10.50 -2.88
C LEU A 98 -3.41 -10.46 -3.78
N VAL A 99 -3.53 -9.79 -4.90
CA VAL A 99 -2.40 -9.61 -5.81
C VAL A 99 -1.56 -8.44 -5.34
N ASN A 100 -0.39 -8.28 -5.97
CA ASN A 100 0.41 -7.08 -5.80
C ASN A 100 0.23 -6.18 -7.03
N ALA A 101 0.35 -4.88 -6.83
CA ALA A 101 0.25 -3.89 -7.88
C ALA A 101 1.57 -3.11 -7.91
N ILE A 102 2.53 -3.62 -8.68
CA ILE A 102 3.88 -3.14 -8.71
C ILE A 102 4.14 -2.55 -10.08
N HIS A 103 4.35 -1.23 -10.12
CA HIS A 103 4.57 -0.58 -11.40
C HIS A 103 5.84 -1.13 -12.03
N PRO A 104 5.89 -1.31 -13.35
CA PRO A 104 7.11 -1.87 -13.95
C PRO A 104 8.38 -1.07 -13.77
N SER A 105 8.28 0.22 -13.55
CA SER A 105 9.43 1.07 -13.30
C SER A 105 9.98 0.94 -11.92
N ALA A 106 9.24 0.34 -10.98
CA ALA A 106 9.78 0.17 -9.64
C ALA A 106 10.94 -0.83 -9.68
N VAL A 107 11.95 -0.58 -8.88
CA VAL A 107 13.11 -1.47 -8.76
C VAL A 107 12.98 -2.20 -7.43
N VAL A 108 12.75 -3.48 -7.48
CA VAL A 108 12.58 -4.32 -6.32
C VAL A 108 13.71 -5.34 -6.33
N SER A 109 14.63 -5.23 -5.38
CA SER A 109 15.77 -6.12 -5.31
C SER A 109 15.34 -7.57 -5.25
N PRO A 110 16.16 -8.48 -5.77
CA PRO A 110 15.82 -9.89 -5.75
C PRO A 110 15.83 -10.54 -4.39
N SER A 111 16.37 -9.88 -3.35
CA SER A 111 16.33 -10.40 -2.01
C SER A 111 15.22 -9.76 -1.17
N VAL A 112 14.38 -8.94 -1.77
CA VAL A 112 13.22 -8.38 -1.05
C VAL A 112 12.17 -9.48 -0.88
N ARG A 113 11.58 -9.53 0.29
CA ARG A 113 10.44 -10.37 0.56
C ARG A 113 9.17 -9.52 0.49
N LEU A 114 8.26 -9.87 -0.38
CA LEU A 114 7.01 -9.18 -0.52
C LEU A 114 5.86 -10.01 0.01
N GLY A 115 4.97 -9.35 0.70
CA GLY A 115 3.71 -9.90 1.06
C GLY A 115 2.71 -9.86 -0.08
N GLU A 116 1.44 -9.81 0.24
CA GLU A 116 0.34 -9.84 -0.70
C GLU A 116 -0.50 -8.56 -0.54
N GLY A 117 -1.13 -8.11 -1.61
CA GLY A 117 -1.91 -6.90 -1.54
C GLY A 117 -1.04 -5.63 -1.43
N VAL A 118 0.21 -5.73 -1.83
CA VAL A 118 1.18 -4.63 -1.74
C VAL A 118 1.11 -3.75 -2.98
N ALA A 119 1.06 -2.43 -2.77
CA ALA A 119 1.18 -1.45 -3.84
C ALA A 119 2.59 -0.91 -3.85
N VAL A 120 3.22 -0.92 -5.02
CA VAL A 120 4.54 -0.33 -5.22
C VAL A 120 4.45 0.56 -6.46
N MET A 121 4.50 1.85 -6.26
CA MET A 121 4.24 2.80 -7.33
C MET A 121 5.46 3.04 -8.22
N ALA A 122 5.24 3.81 -9.27
CA ALA A 122 6.30 4.17 -10.19
C ALA A 122 7.45 4.81 -9.45
N GLY A 123 8.66 4.53 -9.94
CA GLY A 123 9.83 5.21 -9.47
C GLY A 123 10.36 4.77 -8.13
N VAL A 124 9.78 3.79 -7.51
CA VAL A 124 10.25 3.28 -6.22
C VAL A 124 11.53 2.50 -6.40
N ALA A 125 12.39 2.51 -5.36
CA ALA A 125 13.47 1.58 -5.23
C ALA A 125 13.41 0.91 -3.87
N ILE A 126 13.52 -0.40 -3.83
CA ILE A 126 13.57 -1.19 -2.61
C ILE A 126 14.82 -2.08 -2.69
N ASN A 127 15.74 -1.88 -1.75
CA ASN A 127 17.01 -2.56 -1.75
C ASN A 127 17.04 -3.82 -0.89
N ALA A 128 18.21 -4.47 -0.92
CA ALA A 128 18.50 -5.78 -0.42
C ALA A 128 17.91 -6.09 0.94
N ASP A 129 17.31 -7.26 1.09
CA ASP A 129 16.96 -7.89 2.30
C ASP A 129 15.92 -7.07 3.06
N SER A 130 15.13 -6.26 2.36
CA SER A 130 13.99 -5.63 2.96
C SER A 130 12.76 -6.55 2.89
N TRP A 131 11.93 -6.46 3.92
CA TRP A 131 10.73 -7.26 4.05
C TRP A 131 9.52 -6.30 4.06
N ILE A 132 8.57 -6.59 3.18
CA ILE A 132 7.42 -5.73 2.96
C ILE A 132 6.14 -6.48 3.32
N GLY A 133 5.49 -6.09 4.37
CA GLY A 133 4.31 -6.76 4.84
C GLY A 133 3.11 -6.64 3.94
N ASP A 134 2.15 -7.55 4.16
CA ASP A 134 0.92 -7.54 3.40
C ASP A 134 0.28 -6.16 3.47
N LEU A 135 -0.30 -5.73 2.36
CA LEU A 135 -1.13 -4.54 2.31
C LEU A 135 -0.33 -3.28 2.53
N ALA A 136 0.99 -3.32 2.49
CA ALA A 136 1.76 -2.09 2.53
C ALA A 136 1.54 -1.28 1.25
N ILE A 137 1.72 0.04 1.36
CA ILE A 137 1.83 0.93 0.20
C ILE A 137 3.22 1.56 0.22
N ILE A 138 3.96 1.38 -0.87
CA ILE A 138 5.23 2.04 -1.10
C ILE A 138 4.98 2.99 -2.26
N ASN A 139 4.70 4.24 -1.92
CA ASN A 139 4.13 5.17 -2.87
C ASN A 139 5.20 5.82 -3.77
N THR A 140 4.73 6.67 -4.66
CA THR A 140 5.46 7.08 -5.85
C THR A 140 6.80 7.66 -5.48
N GLY A 141 7.86 7.11 -6.09
CA GLY A 141 9.19 7.62 -5.86
C GLY A 141 9.82 7.30 -4.52
N ALA A 142 9.17 6.56 -3.65
CA ALA A 142 9.73 6.28 -2.35
C ALA A 142 10.97 5.36 -2.47
N VAL A 143 11.83 5.50 -1.48
CA VAL A 143 13.06 4.73 -1.36
C VAL A 143 13.06 3.95 -0.08
N VAL A 144 13.31 2.64 -0.19
CA VAL A 144 13.44 1.74 0.96
C VAL A 144 14.81 1.12 0.83
N ASP A 145 15.76 1.53 1.67
CA ASP A 145 17.11 1.04 1.54
C ASP A 145 17.23 -0.34 2.19
N HIS A 146 18.46 -0.85 2.26
CA HIS A 146 18.69 -2.23 2.65
C HIS A 146 18.17 -2.49 4.07
N ASP A 147 17.74 -3.75 4.26
CA ASP A 147 17.47 -4.28 5.60
C ASP A 147 16.32 -3.60 6.31
N CYS A 148 15.35 -3.06 5.61
CA CYS A 148 14.18 -2.50 6.21
C CYS A 148 13.10 -3.56 6.47
N ARG A 149 12.23 -3.26 7.41
CA ARG A 149 11.12 -4.12 7.79
C ARG A 149 9.87 -3.30 7.82
N LEU A 150 8.94 -3.53 6.89
CA LEU A 150 7.74 -2.72 6.80
C LEU A 150 6.56 -3.58 7.22
N GLY A 151 5.88 -3.17 8.28
CA GLY A 151 4.76 -3.92 8.81
C GLY A 151 3.55 -3.89 7.92
N ALA A 152 2.65 -4.82 8.19
CA ALA A 152 1.41 -4.94 7.42
C ALA A 152 0.68 -3.63 7.43
N ALA A 153 0.17 -3.26 6.26
CA ALA A 153 -0.73 -2.15 6.07
C ALA A 153 -0.11 -0.82 6.42
N CYS A 154 1.23 -0.70 6.45
CA CYS A 154 1.83 0.62 6.56
C CYS A 154 1.78 1.33 5.19
N HIS A 155 2.14 2.61 5.21
CA HIS A 155 2.13 3.46 4.01
C HIS A 155 3.33 4.37 4.06
N LEU A 156 4.25 4.18 3.11
N LEU A 156 4.25 4.17 3.13
CA LEU A 156 5.36 5.07 2.88
CA LEU A 156 5.37 5.05 2.86
C LEU A 156 4.91 6.01 1.74
C LEU A 156 4.92 5.99 1.75
N GLY A 157 4.68 7.27 2.10
CA GLY A 157 4.11 8.19 1.16
C GLY A 157 5.05 8.56 0.03
N PRO A 158 4.52 9.29 -0.97
CA PRO A 158 5.34 9.65 -2.13
C PRO A 158 6.63 10.33 -1.71
N ALA A 159 7.73 9.94 -2.36
CA ALA A 159 9.01 10.59 -2.19
C ALA A 159 9.55 10.46 -0.77
N SER A 160 9.04 9.55 0.04
CA SER A 160 9.61 9.27 1.35
C SER A 160 10.86 8.42 1.20
N ALA A 161 11.67 8.34 2.23
CA ALA A 161 12.92 7.58 2.14
C ALA A 161 13.29 7.03 3.50
N LEU A 162 13.58 5.73 3.53
CA LEU A 162 14.10 5.02 4.68
C LEU A 162 15.54 4.63 4.41
N ALA A 163 16.47 5.10 5.26
CA ALA A 163 17.90 4.90 5.01
C ALA A 163 18.51 3.66 5.52
N GLY A 164 17.76 2.64 5.59
CA GLY A 164 18.41 1.26 5.85
C GLY A 164 18.25 0.88 7.30
N GLY A 165 17.92 -0.42 7.51
CA GLY A 165 17.72 -0.94 8.83
C GLY A 165 16.56 -0.33 9.61
N VAL A 166 15.60 0.25 8.89
CA VAL A 166 14.47 0.90 9.50
C VAL A 166 13.30 -0.09 9.62
N SER A 167 12.63 -0.06 10.78
CA SER A 167 11.44 -0.89 11.00
C SER A 167 10.26 0.05 11.13
N VAL A 168 9.19 -0.23 10.38
CA VAL A 168 8.01 0.56 10.35
C VAL A 168 6.83 -0.30 10.83
N GLY A 169 6.14 0.08 11.86
CA GLY A 169 5.11 -0.72 12.43
C GLY A 169 3.86 -0.81 11.58
N GLU A 170 3.00 -1.77 11.93
CA GLU A 170 1.73 -1.96 11.26
C GLU A 170 0.97 -0.67 11.22
N ARG A 171 0.41 -0.38 10.05
CA ARG A 171 -0.49 0.77 9.85
C ARG A 171 0.20 2.11 10.04
N ALA A 172 1.50 2.19 10.22
CA ALA A 172 2.15 3.49 10.32
C ALA A 172 2.06 4.19 8.94
N PHE A 173 2.13 5.51 9.00
CA PHE A 173 1.98 6.33 7.81
C PHE A 173 3.06 7.43 7.80
N LEU A 174 3.88 7.43 6.75
CA LEU A 174 4.87 8.45 6.54
C LEU A 174 4.39 9.35 5.40
N GLY A 175 4.22 10.64 5.69
CA GLY A 175 3.75 11.57 4.69
C GLY A 175 4.76 11.85 3.61
N VAL A 176 4.30 12.61 2.60
CA VAL A 176 5.12 12.92 1.44
C VAL A 176 6.48 13.49 1.88
N GLY A 177 7.54 12.90 1.37
CA GLY A 177 8.86 13.38 1.62
C GLY A 177 9.39 13.14 3.01
N ALA A 178 8.80 12.33 3.82
CA ALA A 178 9.35 11.98 5.13
C ALA A 178 10.65 11.21 4.94
N ARG A 179 11.54 11.30 5.92
CA ARG A 179 12.83 10.67 5.91
CA ARG A 179 12.82 10.63 5.89
C ARG A 179 13.07 9.97 7.23
N VAL A 180 13.73 8.84 7.22
CA VAL A 180 14.09 8.14 8.44
C VAL A 180 15.57 7.70 8.33
N ILE A 181 16.35 8.06 9.33
CA ILE A 181 17.76 7.73 9.35
C ILE A 181 17.98 6.24 9.69
N PRO A 182 19.19 5.73 9.48
CA PRO A 182 19.40 4.30 9.66
C PRO A 182 19.05 3.80 11.03
N GLY A 183 18.47 2.59 11.07
CA GLY A 183 18.34 1.86 12.29
C GLY A 183 17.14 2.21 13.14
N VAL A 184 16.36 3.21 12.77
CA VAL A 184 15.24 3.68 13.57
C VAL A 184 14.06 2.71 13.47
N THR A 185 13.33 2.60 14.58
CA THR A 185 12.07 1.87 14.66
C THR A 185 10.94 2.86 14.89
N ILE A 186 9.89 2.69 14.10
CA ILE A 186 8.67 3.49 14.22
C ILE A 186 7.53 2.57 14.59
N GLY A 187 6.82 2.91 15.66
CA GLY A 187 5.75 2.05 16.14
C GLY A 187 4.53 1.98 15.21
N ALA A 188 3.72 0.99 15.52
CA ALA A 188 2.45 0.80 14.85
C ALA A 188 1.59 2.04 15.03
N ASP A 189 0.77 2.35 13.99
CA ASP A 189 -0.23 3.37 14.04
C ASP A 189 0.36 4.78 14.19
N THR A 190 1.64 4.97 14.02
CA THR A 190 2.25 6.28 14.09
C THR A 190 2.20 6.98 12.74
N ILE A 191 2.07 8.31 12.82
CA ILE A 191 2.06 9.19 11.66
C ILE A 191 3.27 10.07 11.72
N VAL A 192 4.04 10.13 10.64
CA VAL A 192 5.10 11.10 10.43
C VAL A 192 4.57 12.09 9.40
N GLY A 193 4.50 13.37 9.77
CA GLY A 193 4.05 14.37 8.84
C GLY A 193 4.89 14.49 7.62
N ALA A 194 4.32 15.11 6.57
CA ALA A 194 5.06 15.41 5.39
C ALA A 194 6.37 16.12 5.73
N GLY A 195 7.46 15.68 5.10
CA GLY A 195 8.76 16.27 5.33
C GLY A 195 9.41 15.97 6.65
N GLY A 196 8.77 15.21 7.55
CA GLY A 196 9.39 14.92 8.82
C GLY A 196 10.67 14.08 8.66
N VAL A 197 11.68 14.44 9.47
CA VAL A 197 12.97 13.76 9.44
C VAL A 197 13.17 13.06 10.78
N VAL A 198 12.98 11.75 10.81
CA VAL A 198 12.94 10.98 12.02
C VAL A 198 14.36 10.51 12.39
N VAL A 199 14.82 10.97 13.54
CA VAL A 199 16.18 10.72 13.98
C VAL A 199 16.26 9.91 15.26
N ARG A 200 15.12 9.46 15.80
CA ARG A 200 15.06 8.66 17.01
C ARG A 200 13.84 7.74 16.88
N ASP A 201 13.88 6.64 17.54
CA ASP A 201 12.72 5.74 17.57
C ASP A 201 11.46 6.45 17.97
N LEU A 202 10.35 6.07 17.36
CA LEU A 202 9.03 6.58 17.70
C LEU A 202 8.18 5.43 18.27
N PRO A 203 7.46 5.69 19.35
CA PRO A 203 6.54 4.68 19.89
C PRO A 203 5.32 4.54 19.01
N ASP A 204 4.44 3.65 19.41
CA ASP A 204 3.16 3.45 18.76
C ASP A 204 2.26 4.69 18.94
N SER A 205 1.37 4.88 17.99
CA SER A 205 0.23 5.78 18.13
C SER A 205 0.61 7.23 18.45
N VAL A 206 1.63 7.74 17.82
CA VAL A 206 1.96 9.16 17.96
C VAL A 206 2.00 9.83 16.58
N LEU A 207 2.00 11.15 16.61
CA LEU A 207 2.21 12.03 15.47
C LEU A 207 3.53 12.73 15.66
N ALA A 208 4.41 12.71 14.67
CA ALA A 208 5.68 13.40 14.74
C ALA A 208 5.85 14.27 13.48
N ILE A 209 6.31 15.50 13.68
CA ILE A 209 6.47 16.49 12.61
C ILE A 209 7.74 17.27 12.81
N GLY A 210 8.34 17.74 11.71
CA GLY A 210 9.45 18.66 11.75
C GLY A 210 10.75 18.06 11.30
N VAL A 211 11.75 18.95 11.22
CA VAL A 211 13.13 18.60 10.97
C VAL A 211 13.94 19.11 12.16
N PRO A 212 14.35 18.25 13.11
CA PRO A 212 14.03 16.82 13.21
C PRO A 212 12.61 16.64 13.69
N ALA A 213 12.07 15.47 13.47
CA ALA A 213 10.66 15.21 13.82
C ALA A 213 10.56 15.14 15.34
N LYS A 214 9.48 15.74 15.84
CA LYS A 214 9.14 15.79 17.24
CA LYS A 214 9.13 15.84 17.24
C LYS A 214 7.70 15.41 17.41
N ILE A 215 7.43 14.64 18.46
CA ILE A 215 6.08 14.22 18.78
C ILE A 215 5.25 15.42 19.14
N LYS A 216 4.04 15.46 18.59
CA LYS A 216 3.08 16.53 18.84
C LYS A 216 1.95 15.94 19.64
N GLY A 217 1.74 16.48 20.87
CA GLY A 217 0.62 16.03 21.73
C GLY A 217 -0.71 16.36 21.19
O5P JBT B . 1.54 13.43 2.82
C5P JBT B . 0.39 13.25 3.11
N4P JBT B . -0.40 12.45 2.40
C3P JBT B . 0.05 11.66 1.27
C2P JBT B . -1.00 10.85 0.69
S1P JBT B . -0.46 9.87 -0.71
C6P JBT B . -0.25 13.96 4.25
C7P JBT B . 0.62 14.46 5.25
N8P JBT B . -0.11 15.16 6.28
C9P JBT B . 0.42 16.11 7.02
O9P JBT B . 1.63 16.39 6.95
CAP JBT B . -0.52 16.81 7.94
OAP JBT B . -0.39 18.24 7.74
CBP JBT B . -0.42 16.39 9.45
CDP JBT B . 1.00 16.59 9.99
CEP JBT B . -0.78 14.92 9.58
CCP JBT B . -1.25 17.30 10.22
O6A JBT B . -2.62 17.25 9.90
P2A JBT B . -3.65 18.07 10.74
O4A JBT B . -3.40 17.81 12.13
O5A JBT B . -4.96 18.01 9.99
O3A JBT B . -2.95 19.58 10.66
P1A JBT B . -3.46 20.97 10.27
O1A JBT B . -3.50 21.05 8.80
O2A JBT B . -4.70 21.32 10.99
O5B JBT B . -2.27 21.76 10.81
C5B JBT B . -2.01 21.77 12.27
C4B JBT B . -0.72 22.58 12.53
C3B JBT B . -0.49 23.93 11.84
O3B JBT B . 0.30 24.82 12.65
P3B JBT B . -0.44 25.90 13.56
O9A JBT B . -1.16 25.09 14.70
O8A JBT B . -1.44 26.62 12.74
O7A JBT B . 0.71 26.70 14.06
C2B JBT B . 0.51 23.53 10.75
O2B JBT B . 1.26 24.58 10.16
O4B JBT B . 0.40 21.72 12.12
C1B JBT B . 1.32 22.41 11.22
N9A JBT B . 1.72 21.41 10.28
C4A JBT B . 3.02 20.89 10.06
N3A JBT B . 4.13 21.25 10.58
C2A JBT B . 5.19 20.56 10.13
C8A JBT B . 0.90 20.71 9.53
N7A JBT B . 1.53 19.82 8.80
C5A JBT B . 2.84 19.91 9.13
C6A JBT B . 3.98 19.22 8.69
N1A JBT B . 5.12 19.55 9.21
N6A JBT B . 3.91 18.22 7.81
O6 JBT B . -15.60 0.17 3.10
C6 JBT B . -15.38 0.61 1.93
C5 JBT B . -15.05 1.89 1.58
N7 JBT B . -14.85 3.06 2.28
C8 JBT B . -14.55 3.96 1.39
N1 JBT B . -15.48 -0.28 0.89
C2 JBT B . -15.35 0.10 -0.44
N2 JBT B . -15.51 -0.87 -1.33
N3 JBT B . -15.05 1.33 -0.81
C4 JBT B . -14.90 2.19 0.21
N9 JBT B . -14.59 3.49 0.12
C1' JBT B . -14.36 4.23 -1.10
O4' JBT B . -12.97 4.53 -1.15
C2' JBT B . -15.03 5.60 -1.23
O2' JBT B . -16.40 5.48 -1.46
C3' JBT B . -14.16 6.31 -2.23
O3' JBT B . -14.61 6.16 -3.59
C4' JBT B . -12.78 5.70 -1.99
C5' JBT B . -11.81 6.58 -1.33
O5' JBT B . -11.40 7.56 -2.30
P JBT B . -10.52 8.80 -1.92
O1P JBT B . -10.07 9.42 -3.22
O2P JBT B . -11.22 9.64 -0.93
OPP JBT B . -9.30 8.17 -1.12
P2 JBT B . -8.16 7.14 -1.59
O3P JBT B . -8.10 6.09 -0.57
O4P JBT B . -8.39 6.78 -3.00
O1G JBT B . -6.88 8.07 -1.58
C1G JBT B . -6.28 8.44 -0.35
O5G JBT B . -5.14 7.67 -0.10
C5G JBT B . -4.10 7.87 -1.07
C6G JBT B . -3.00 6.92 -0.58
C2G JBT B . -6.00 9.89 -0.35
O2G JBT B . -5.51 10.24 0.98
C3G JBT B . -4.89 10.20 -1.41
O3G JBT B . -4.50 11.57 -1.28
C4G JBT B . -3.67 9.31 -1.18
N4A JBT B . -2.74 9.49 -2.31
C01 JBT B . -1.63 10.39 -2.10
C02 JBT B . -0.75 10.41 -3.35
CL CL C . -1.59 -1.88 -0.50
CL CL D . -8.28 -3.08 -17.57
CL CL E . 9.82 14.15 20.36
#